data_6KTO
#
_entry.id   6KTO
#
_cell.length_a   93.843
_cell.length_b   93.843
_cell.length_c   325.377
_cell.angle_alpha   90.000
_cell.angle_beta   90.000
_cell.angle_gamma   120.000
#
_symmetry.space_group_name_H-M   'P 61 2 2'
#
loop_
_entity.id
_entity.type
_entity.pdbx_description
1 polymer 'Mitotic spindle assembly checkpoint protein MAD2B'
2 polymer 'Shieldin complex subunit 3'
3 polymer 'Shieldin complex subunit 2'
#
loop_
_entity_poly.entity_id
_entity_poly.type
_entity_poly.pdbx_seq_one_letter_code
_entity_poly.pdbx_strand_id
1 'polypeptide(L)'
;MGSSHHHHHHSQDPNSMTTLTRQDLNFGQVVADVLCEFLEVAVHLILYVREVYPVGIFQKRKKYNVPVQMSCHPELNQYI
QDTLHCVKPLLEKNDVEKVVVVILDKEHRPVEKFVFEITQPPLLSISSDSLLSHVEQLLRAFILKISVCDAVLDHNPPGC
TFTVLVHTREAATRNMEKIQVIKDFPWILADEQDVHMHDPRLIPLKTMTSDILKMQLYVEERAHKGS
;
A,B
2 'polypeptide(L)' MTTEVILHYRPCESDPTQLPKIAEKAIQDFPTRPLSRFIPWFPYDGSKLPLRPKRSPPVISEEA C
3 'polypeptide(L)' MGMSGGSQVHIFWGAPIAPLKITVSEDTASLMSVADPWKKIQLLYSQHSLYLKD D
#
# COMPACT_ATOMS: atom_id res chain seq x y z
N GLN A 29 -24.63 -13.26 15.99
CA GLN A 29 -24.27 -11.92 15.54
C GLN A 29 -23.01 -11.43 16.26
N VAL A 30 -22.27 -12.43 16.75
CA VAL A 30 -21.01 -12.18 17.43
C VAL A 30 -20.13 -11.26 16.56
N VAL A 31 -19.84 -11.70 15.33
CA VAL A 31 -18.90 -10.99 14.44
C VAL A 31 -19.58 -9.83 13.73
N ALA A 32 -20.77 -10.09 13.16
CA ALA A 32 -21.43 -9.16 12.23
C ALA A 32 -21.52 -7.76 12.78
N ASP A 33 -21.63 -7.63 14.10
CA ASP A 33 -21.72 -6.31 14.69
C ASP A 33 -20.50 -5.47 14.35
N VAL A 34 -19.33 -6.10 14.29
CA VAL A 34 -18.08 -5.39 14.03
C VAL A 34 -17.99 -4.97 12.57
N LEU A 35 -18.48 -5.82 11.66
CA LEU A 35 -18.32 -5.58 10.23
C LEU A 35 -19.07 -4.34 9.77
N CYS A 36 -20.26 -4.10 10.33
CA CYS A 36 -21.02 -2.92 9.94
C CYS A 36 -20.30 -1.64 10.36
N GLU A 37 -19.76 -1.61 11.56
CA GLU A 37 -19.05 -0.42 11.95
C GLU A 37 -17.90 -0.26 10.98
N PHE A 38 -17.21 -1.35 10.67
CA PHE A 38 -16.09 -1.29 9.74
C PHE A 38 -16.50 -0.91 8.33
N LEU A 39 -17.59 -1.47 7.84
CA LEU A 39 -18.03 -1.15 6.49
C LEU A 39 -18.41 0.31 6.37
N GLU A 40 -19.05 0.85 7.39
CA GLU A 40 -19.45 2.24 7.37
C GLU A 40 -18.25 3.14 7.24
N VAL A 41 -17.16 2.83 7.93
CA VAL A 41 -15.97 3.64 7.83
C VAL A 41 -15.42 3.62 6.43
N ALA A 42 -15.36 2.44 5.83
CA ALA A 42 -14.82 2.30 4.48
C ALA A 42 -15.67 3.03 3.46
N VAL A 43 -16.98 2.95 3.60
CA VAL A 43 -17.83 3.64 2.66
C VAL A 43 -17.62 5.13 2.73
N HIS A 44 -17.50 5.67 3.93
CA HIS A 44 -17.24 7.09 4.06
C HIS A 44 -15.87 7.44 3.52
N LEU A 45 -14.87 6.69 3.93
CA LEU A 45 -13.51 6.96 3.50
C LEU A 45 -13.38 6.83 2.01
N ILE A 46 -14.08 5.87 1.43
CA ILE A 46 -14.00 5.63 0.00
C ILE A 46 -14.46 6.82 -0.81
N LEU A 47 -15.51 7.48 -0.35
CA LEU A 47 -16.03 8.64 -1.03
C LEU A 47 -15.02 9.78 -1.02
N TYR A 48 -14.38 9.98 0.11
CA TYR A 48 -13.42 11.04 0.29
C TYR A 48 -12.25 10.88 -0.65
N VAL A 49 -11.76 9.65 -0.76
CA VAL A 49 -10.63 9.36 -1.61
C VAL A 49 -10.89 9.51 -3.10
N ARG A 50 -12.06 9.10 -3.55
CA ARG A 50 -12.41 9.17 -4.96
C ARG A 50 -13.11 10.48 -5.32
N GLU A 51 -13.28 11.35 -4.33
CA GLU A 51 -13.92 12.64 -4.52
C GLU A 51 -15.31 12.57 -5.12
N VAL A 52 -16.07 11.59 -4.67
CA VAL A 52 -17.46 11.47 -5.08
C VAL A 52 -18.22 12.71 -4.70
N TYR A 53 -18.03 13.15 -3.45
CA TYR A 53 -18.75 14.28 -2.91
C TYR A 53 -17.76 15.39 -2.60
N PRO A 54 -18.19 16.66 -2.64
CA PRO A 54 -17.30 17.77 -2.30
C PRO A 54 -16.78 17.65 -0.88
N VAL A 55 -15.57 18.16 -0.66
CA VAL A 55 -14.85 17.90 0.59
C VAL A 55 -15.42 18.67 1.77
N GLY A 56 -16.22 19.72 1.51
CA GLY A 56 -16.76 20.51 2.61
C GLY A 56 -17.52 19.70 3.62
N ILE A 57 -18.13 18.58 3.19
CA ILE A 57 -19.00 17.85 4.10
C ILE A 57 -18.22 16.95 5.04
N PHE A 58 -17.04 16.49 4.66
CA PHE A 58 -16.34 15.48 5.45
C PHE A 58 -15.57 16.08 6.61
N GLN A 59 -15.57 15.37 7.74
CA GLN A 59 -14.91 15.82 8.96
C GLN A 59 -13.91 14.76 9.41
N LYS A 60 -12.66 15.17 9.60
CA LYS A 60 -11.62 14.27 10.11
C LYS A 60 -12.09 13.60 11.40
N ARG A 61 -11.81 12.31 11.53
CA ARG A 61 -12.21 11.58 12.71
C ARG A 61 -11.23 10.45 12.96
N LYS A 62 -11.12 9.99 14.19
CA LYS A 62 -10.21 8.91 14.48
C LYS A 62 -11.03 7.64 14.63
N LYS A 63 -11.04 6.84 13.59
CA LYS A 63 -11.77 5.59 13.61
C LYS A 63 -10.76 4.52 13.34
N TYR A 64 -10.81 3.46 14.15
CA TYR A 64 -9.83 2.38 14.02
C TYR A 64 -8.41 2.87 14.22
N ASN A 65 -8.26 3.96 14.98
CA ASN A 65 -6.96 4.56 15.25
C ASN A 65 -6.27 5.02 13.97
N VAL A 66 -7.04 5.49 12.99
CA VAL A 66 -6.46 6.07 11.80
C VAL A 66 -7.16 7.41 11.55
N PRO A 67 -6.51 8.34 10.85
CA PRO A 67 -7.28 9.56 10.59
C PRO A 67 -8.00 9.35 9.27
N VAL A 68 -9.33 9.36 9.33
CA VAL A 68 -10.17 9.13 8.18
C VAL A 68 -11.18 10.24 8.09
N GLN A 69 -11.64 10.55 6.89
CA GLN A 69 -12.63 11.60 6.79
C GLN A 69 -14.04 11.06 6.62
N MET A 70 -14.82 11.14 7.68
CA MET A 70 -16.22 10.73 7.67
C MET A 70 -17.08 11.87 7.17
N SER A 71 -18.33 11.62 6.83
CA SER A 71 -19.14 12.73 6.35
C SER A 71 -20.00 13.30 7.44
N CYS A 72 -20.22 14.60 7.32
CA CYS A 72 -21.00 15.38 8.26
C CYS A 72 -22.21 15.96 7.55
N HIS A 73 -22.77 15.17 6.64
CA HIS A 73 -23.97 15.54 5.90
C HIS A 73 -25.09 14.55 6.23
N PRO A 74 -26.25 15.06 6.67
CA PRO A 74 -27.42 14.27 7.09
C PRO A 74 -28.17 13.43 6.04
N GLU A 75 -28.40 13.98 4.85
CA GLU A 75 -29.15 13.25 3.82
C GLU A 75 -28.44 11.99 3.38
N LEU A 76 -27.12 12.11 3.24
CA LEU A 76 -26.24 11.01 2.86
C LEU A 76 -25.91 10.11 4.03
N ASN A 77 -25.74 10.69 5.23
CA ASN A 77 -25.32 9.88 6.36
C ASN A 77 -26.34 8.82 6.72
N GLN A 78 -27.64 9.16 6.65
CA GLN A 78 -28.65 8.14 6.94
C GLN A 78 -28.69 7.07 5.86
N TYR A 79 -28.66 7.48 4.58
CA TYR A 79 -28.56 6.53 3.48
C TYR A 79 -27.50 5.48 3.81
N ILE A 80 -26.36 5.92 4.35
CA ILE A 80 -25.27 5.00 4.65
C ILE A 80 -25.65 4.07 5.80
N GLN A 81 -25.99 4.63 6.95
CA GLN A 81 -26.34 3.79 8.09
C GLN A 81 -27.49 2.87 7.75
N ASP A 82 -28.43 3.34 6.91
CA ASP A 82 -29.59 2.51 6.57
C ASP A 82 -29.20 1.36 5.67
N THR A 83 -28.22 1.55 4.79
CA THR A 83 -27.85 0.47 3.88
C THR A 83 -27.26 -0.71 4.65
N LEU A 84 -26.34 -0.43 5.57
CA LEU A 84 -25.56 -1.48 6.25
C LEU A 84 -26.40 -2.20 7.30
N HIS A 85 -27.30 -1.46 7.95
CA HIS A 85 -28.25 -2.04 8.88
C HIS A 85 -29.03 -3.17 8.22
N CYS A 86 -29.43 -2.96 6.96
CA CYS A 86 -30.08 -4.00 6.17
C CYS A 86 -29.14 -5.18 5.84
N VAL A 87 -27.83 -5.04 5.99
CA VAL A 87 -26.94 -6.14 5.63
C VAL A 87 -26.65 -7.03 6.83
N LYS A 88 -26.53 -6.45 8.03
CA LYS A 88 -26.26 -7.19 9.27
C LYS A 88 -27.05 -8.49 9.41
N PRO A 89 -28.38 -8.52 9.29
CA PRO A 89 -29.10 -9.81 9.32
C PRO A 89 -28.54 -10.87 8.40
N LEU A 90 -27.97 -10.48 7.27
CA LEU A 90 -27.35 -11.47 6.42
C LEU A 90 -25.96 -11.81 6.92
N LEU A 91 -25.35 -10.90 7.67
CA LEU A 91 -24.04 -11.16 8.25
C LEU A 91 -24.16 -11.96 9.55
N GLU A 92 -25.19 -11.65 10.36
CA GLU A 92 -25.50 -12.46 11.55
C GLU A 92 -25.72 -13.92 11.16
N LYS A 93 -26.30 -14.13 9.99
CA LYS A 93 -26.65 -15.44 9.50
C LYS A 93 -25.67 -15.99 8.46
N ASN A 94 -24.61 -15.23 8.18
CA ASN A 94 -23.62 -15.57 7.15
C ASN A 94 -24.32 -16.02 5.86
N ASP A 95 -25.35 -15.25 5.46
CA ASP A 95 -25.94 -15.25 4.12
C ASP A 95 -25.17 -14.35 3.15
N VAL A 96 -24.14 -13.61 3.62
CA VAL A 96 -23.36 -12.66 2.82
C VAL A 96 -22.06 -13.29 2.31
N GLU A 97 -21.85 -13.15 1.00
CA GLU A 97 -20.69 -13.60 0.24
C GLU A 97 -19.72 -12.48 -0.07
N LYS A 98 -20.21 -11.32 -0.52
CA LYS A 98 -19.38 -10.13 -0.73
C LYS A 98 -20.25 -8.88 -0.72
N VAL A 99 -19.61 -7.73 -0.48
CA VAL A 99 -20.28 -6.42 -0.43
C VAL A 99 -19.46 -5.43 -1.24
N VAL A 100 -20.08 -4.81 -2.23
CA VAL A 100 -19.40 -4.07 -3.28
C VAL A 100 -19.86 -2.63 -3.25
N VAL A 101 -18.94 -1.68 -3.04
CA VAL A 101 -19.32 -0.29 -3.05
C VAL A 101 -18.98 0.19 -4.43
N VAL A 102 -19.98 0.58 -5.19
CA VAL A 102 -19.84 0.97 -6.58
C VAL A 102 -19.94 2.47 -6.79
N ILE A 103 -19.06 3.01 -7.62
CA ILE A 103 -19.04 4.42 -7.91
C ILE A 103 -19.64 4.59 -9.27
N LEU A 104 -20.69 5.40 -9.33
CA LEU A 104 -21.47 5.64 -10.53
C LEU A 104 -21.39 7.09 -10.97
N ASP A 105 -21.23 7.27 -12.27
CA ASP A 105 -21.11 8.59 -12.87
C ASP A 105 -22.46 9.23 -13.19
N LYS A 106 -22.44 10.29 -13.98
CA LYS A 106 -23.66 10.99 -14.34
C LYS A 106 -24.61 10.05 -15.07
N GLU A 107 -24.07 9.22 -15.95
CA GLU A 107 -24.92 8.29 -16.68
C GLU A 107 -25.31 7.04 -15.88
N HIS A 108 -25.00 7.03 -14.59
CA HIS A 108 -25.32 5.93 -13.71
C HIS A 108 -24.80 4.61 -14.21
N ARG A 109 -23.55 4.62 -14.63
CA ARG A 109 -22.84 3.45 -15.11
C ARG A 109 -21.74 3.15 -14.11
N PRO A 110 -21.26 1.91 -14.09
CA PRO A 110 -20.21 1.54 -13.14
C PRO A 110 -18.86 2.02 -13.62
N VAL A 111 -18.08 2.62 -12.72
CA VAL A 111 -16.73 3.05 -13.04
C VAL A 111 -15.69 2.32 -12.21
N GLU A 112 -15.91 2.19 -10.90
CA GLU A 112 -15.01 1.47 -9.99
C GLU A 112 -15.81 0.69 -8.98
N LYS A 113 -15.39 -0.53 -8.66
CA LYS A 113 -16.08 -1.36 -7.69
C LYS A 113 -15.15 -1.70 -6.55
N PHE A 114 -15.58 -1.40 -5.33
CA PHE A 114 -14.81 -1.75 -4.14
C PHE A 114 -15.37 -3.06 -3.58
N VAL A 115 -14.87 -4.17 -4.11
CA VAL A 115 -15.31 -5.49 -3.68
C VAL A 115 -14.73 -5.87 -2.33
N PHE A 116 -15.55 -6.46 -1.47
CA PHE A 116 -15.15 -6.86 -0.13
C PHE A 116 -15.53 -8.32 0.07
N GLU A 117 -14.81 -9.25 -0.53
CA GLU A 117 -15.20 -10.65 -0.36
C GLU A 117 -15.08 -11.05 1.08
N ILE A 118 -16.13 -11.64 1.63
CA ILE A 118 -16.14 -12.02 3.02
C ILE A 118 -16.49 -13.47 3.28
N THR A 119 -15.61 -14.19 3.94
CA THR A 119 -15.89 -15.56 4.30
C THR A 119 -15.78 -15.65 5.79
N GLN A 120 -16.81 -16.21 6.44
CA GLN A 120 -16.82 -16.33 7.88
C GLN A 120 -16.71 -17.80 8.22
N PRO A 121 -15.74 -18.15 9.06
CA PRO A 121 -15.64 -19.56 9.39
C PRO A 121 -16.18 -19.82 10.80
N LEU A 131 -9.34 -10.54 23.04
CA LEU A 131 -9.68 -11.09 21.72
C LEU A 131 -10.60 -10.15 20.93
N LEU A 132 -11.37 -9.34 21.66
CA LEU A 132 -12.29 -8.40 21.03
C LEU A 132 -11.53 -7.27 20.32
N SER A 133 -10.48 -6.74 20.95
CA SER A 133 -9.61 -5.76 20.30
C SER A 133 -8.57 -6.41 19.38
N HIS A 134 -8.61 -7.73 19.20
CA HIS A 134 -7.74 -8.35 18.20
C HIS A 134 -8.13 -7.92 16.80
N VAL A 135 -9.25 -8.46 16.30
CA VAL A 135 -9.68 -8.20 14.93
C VAL A 135 -9.71 -6.71 14.62
N GLU A 136 -10.12 -5.89 15.59
CA GLU A 136 -10.10 -4.45 15.40
C GLU A 136 -8.72 -3.95 14.94
N GLN A 137 -7.67 -4.73 15.17
CA GLN A 137 -6.36 -4.39 14.64
C GLN A 137 -6.12 -5.02 13.27
N LEU A 138 -6.69 -6.18 13.02
CA LEU A 138 -6.51 -6.81 11.72
C LEU A 138 -7.09 -6.01 10.59
N LEU A 139 -8.32 -5.54 10.77
CA LEU A 139 -9.03 -4.73 9.78
C LEU A 139 -8.35 -3.40 9.50
N ARG A 140 -7.55 -2.90 10.45
CA ARG A 140 -6.97 -1.58 10.27
C ARG A 140 -6.13 -1.52 9.01
N ALA A 141 -5.52 -2.64 8.62
CA ALA A 141 -4.78 -2.68 7.37
C ALA A 141 -5.60 -2.12 6.21
N PHE A 142 -6.90 -2.47 6.17
CA PHE A 142 -7.76 -2.16 5.03
C PHE A 142 -7.96 -0.68 4.88
N ILE A 143 -8.17 0.01 5.99
CA ILE A 143 -8.28 1.47 5.95
C ILE A 143 -7.02 2.08 5.35
N LEU A 144 -5.85 1.62 5.80
CA LEU A 144 -4.60 2.16 5.29
C LEU A 144 -4.53 2.03 3.78
N LYS A 145 -4.94 0.88 3.24
CA LYS A 145 -4.82 0.64 1.80
C LYS A 145 -5.92 1.30 0.99
N ILE A 146 -7.06 1.56 1.61
CA ILE A 146 -8.06 2.42 1.01
C ILE A 146 -7.51 3.83 0.84
N SER A 147 -6.81 4.34 1.84
CA SER A 147 -6.33 5.72 1.86
C SER A 147 -5.17 5.98 0.92
N VAL A 148 -4.55 4.93 0.41
CA VAL A 148 -3.45 5.11 -0.52
C VAL A 148 -3.81 4.71 -1.95
N CYS A 149 -5.07 4.38 -2.19
CA CYS A 149 -5.48 3.98 -3.54
C CYS A 149 -5.57 5.12 -4.52
N ASP A 150 -5.63 6.36 -4.07
CA ASP A 150 -5.75 7.45 -5.02
C ASP A 150 -4.58 7.55 -5.98
N ALA A 151 -3.37 7.27 -5.53
CA ALA A 151 -2.22 7.31 -6.40
C ALA A 151 -2.31 6.31 -7.50
N VAL A 152 -2.80 5.11 -7.20
CA VAL A 152 -2.93 4.04 -8.18
C VAL A 152 -4.22 3.93 -9.01
N LEU A 153 -5.28 4.62 -8.65
CA LEU A 153 -6.51 4.54 -9.45
C LEU A 153 -6.57 5.75 -10.38
N ASP A 154 -7.05 5.54 -11.60
CA ASP A 154 -7.19 6.63 -12.56
C ASP A 154 -8.28 7.58 -12.03
N HIS A 155 -8.12 8.87 -12.28
CA HIS A 155 -9.09 9.84 -11.78
C HIS A 155 -10.48 9.64 -12.40
N ASN A 156 -11.50 9.66 -11.56
CA ASN A 156 -12.89 9.49 -11.99
C ASN A 156 -13.55 10.77 -12.49
N PRO A 157 -14.64 10.61 -13.26
CA PRO A 157 -15.45 11.69 -13.86
C PRO A 157 -16.21 12.48 -12.79
N PRO A 158 -16.51 13.75 -13.09
CA PRO A 158 -17.23 14.69 -12.22
C PRO A 158 -18.69 14.32 -11.95
N GLY A 159 -19.16 14.63 -10.75
CA GLY A 159 -20.53 14.36 -10.34
C GLY A 159 -20.91 12.90 -10.18
N CYS A 160 -19.99 12.08 -9.71
CA CYS A 160 -20.25 10.67 -9.49
C CYS A 160 -21.19 10.44 -8.30
N THR A 161 -21.89 9.31 -8.33
CA THR A 161 -22.82 8.90 -7.30
C THR A 161 -22.47 7.47 -6.93
N PHE A 162 -22.73 6.97 -5.79
CA PHE A 162 -22.34 5.62 -5.38
C PHE A 162 -23.56 4.74 -5.11
N THR A 163 -23.28 3.45 -4.92
CA THR A 163 -24.30 2.48 -4.54
C THR A 163 -23.59 1.29 -3.92
N VAL A 164 -24.38 0.41 -3.30
CA VAL A 164 -23.90 -0.82 -2.69
C VAL A 164 -24.58 -2.00 -3.35
N LEU A 165 -23.81 -3.06 -3.60
CA LEU A 165 -24.34 -4.34 -4.04
C LEU A 165 -24.07 -5.35 -2.95
N VAL A 166 -25.06 -6.13 -2.56
CA VAL A 166 -24.88 -7.17 -1.56
C VAL A 166 -25.08 -8.50 -2.26
N HIS A 167 -24.01 -9.29 -2.42
CA HIS A 167 -24.13 -10.62 -3.04
C HIS A 167 -24.38 -11.65 -1.95
N THR A 168 -25.53 -12.28 -1.99
CA THR A 168 -25.90 -13.23 -0.96
C THR A 168 -25.23 -14.55 -1.26
N ARG A 169 -25.13 -15.37 -0.21
CA ARG A 169 -24.48 -16.67 -0.30
C ARG A 169 -25.36 -17.64 -1.08
N GLU A 170 -26.66 -17.62 -0.77
CA GLU A 170 -27.69 -18.38 -1.46
C GLU A 170 -28.56 -17.43 -2.29
N ALA A 171 -28.84 -17.80 -3.55
CA ALA A 171 -29.70 -17.00 -4.41
C ALA A 171 -31.17 -17.02 -3.99
N ALA A 172 -31.47 -17.67 -2.85
CA ALA A 172 -32.81 -17.95 -2.38
C ALA A 172 -33.56 -16.67 -2.02
N THR A 173 -34.90 -16.83 -1.93
CA THR A 173 -35.74 -15.69 -1.59
C THR A 173 -35.49 -15.23 -0.17
N ARG A 174 -35.05 -16.16 0.71
CA ARG A 174 -34.90 -15.89 2.14
C ARG A 174 -34.23 -14.56 2.41
N ASN A 175 -33.18 -14.29 1.64
CA ASN A 175 -32.40 -13.08 1.83
C ASN A 175 -33.14 -11.85 1.31
N MET A 176 -33.91 -11.99 0.22
CA MET A 176 -34.54 -10.81 -0.39
C MET A 176 -35.67 -10.26 0.48
N GLU A 177 -36.38 -11.13 1.21
CA GLU A 177 -37.35 -10.65 2.19
C GLU A 177 -36.66 -10.31 3.52
N LYS A 178 -35.62 -11.07 3.90
CA LYS A 178 -34.89 -10.82 5.13
C LYS A 178 -34.18 -9.48 5.13
N ILE A 179 -33.68 -9.04 3.97
CA ILE A 179 -32.81 -7.86 3.91
C ILE A 179 -33.59 -6.56 4.12
N GLN A 180 -34.91 -6.56 3.95
CA GLN A 180 -35.67 -5.32 4.07
C GLN A 180 -36.26 -5.24 5.47
N VAL A 181 -35.38 -4.94 6.41
CA VAL A 181 -35.80 -4.80 7.79
C VAL A 181 -36.54 -3.47 7.89
N ILE A 182 -35.80 -2.36 7.80
CA ILE A 182 -36.45 -1.05 7.84
C ILE A 182 -37.23 -0.86 6.55
N LYS A 183 -38.46 -0.43 6.70
CA LYS A 183 -39.33 -0.09 5.59
C LYS A 183 -39.02 1.34 5.17
N ASP A 184 -39.60 1.77 4.07
CA ASP A 184 -39.31 3.10 3.56
C ASP A 184 -37.91 3.14 2.96
N PHE A 185 -37.25 1.98 2.94
CA PHE A 185 -35.94 1.79 2.36
C PHE A 185 -35.95 0.36 1.90
N PRO A 186 -36.29 0.14 0.64
CA PRO A 186 -36.39 -1.22 0.08
C PRO A 186 -35.24 -1.61 -0.83
N TRP A 187 -35.00 -2.91 -0.96
CA TRP A 187 -33.97 -3.44 -1.83
C TRP A 187 -34.59 -4.11 -3.04
N ILE A 188 -33.79 -4.27 -4.09
CA ILE A 188 -34.29 -4.94 -5.28
C ILE A 188 -33.24 -5.90 -5.81
N LEU A 189 -33.42 -6.36 -7.03
CA LEU A 189 -32.37 -7.08 -7.73
C LEU A 189 -31.73 -6.12 -8.73
N ALA A 190 -30.46 -6.31 -8.99
CA ALA A 190 -29.79 -5.46 -9.93
C ALA A 190 -29.70 -6.13 -11.27
N ASP A 191 -30.01 -5.38 -12.32
CA ASP A 191 -29.94 -5.85 -13.68
C ASP A 191 -28.52 -5.81 -14.23
N GLU A 192 -28.30 -6.34 -15.42
CA GLU A 192 -26.96 -6.27 -15.95
C GLU A 192 -26.59 -4.81 -16.16
N GLN A 193 -27.54 -3.99 -16.60
CA GLN A 193 -27.22 -2.59 -16.83
C GLN A 193 -26.58 -1.97 -15.60
N ASP A 194 -27.12 -2.30 -14.42
CA ASP A 194 -26.57 -1.77 -13.16
C ASP A 194 -25.22 -2.38 -12.81
N VAL A 195 -24.98 -3.67 -13.05
CA VAL A 195 -23.76 -4.27 -12.51
C VAL A 195 -22.63 -4.40 -13.53
N HIS A 196 -22.97 -4.48 -14.83
CA HIS A 196 -21.95 -4.75 -15.84
C HIS A 196 -20.98 -3.60 -16.04
N MET A 197 -19.70 -3.91 -16.06
CA MET A 197 -18.67 -2.90 -16.29
C MET A 197 -17.79 -3.35 -17.43
N HIS A 198 -17.31 -2.41 -18.23
CA HIS A 198 -16.50 -2.75 -19.37
C HIS A 198 -15.04 -2.41 -19.16
N ASP A 199 -14.17 -3.26 -19.69
CA ASP A 199 -12.73 -3.11 -19.60
C ASP A 199 -12.28 -2.96 -18.16
N PRO A 200 -12.75 -3.86 -17.31
CA PRO A 200 -12.45 -3.88 -15.88
C PRO A 200 -11.01 -4.24 -15.68
N ARG A 201 -10.38 -3.67 -14.67
CA ARG A 201 -8.98 -3.94 -14.33
C ARG A 201 -8.96 -4.25 -12.85
N LEU A 202 -8.03 -5.08 -12.42
CA LEU A 202 -8.00 -5.44 -11.01
C LEU A 202 -6.88 -4.78 -10.24
N ILE A 203 -7.24 -4.05 -9.19
CA ILE A 203 -6.25 -3.45 -8.30
C ILE A 203 -6.41 -4.08 -6.93
N PRO A 204 -5.67 -5.15 -6.62
CA PRO A 204 -5.85 -5.76 -5.32
C PRO A 204 -5.45 -4.81 -4.22
N LEU A 205 -6.15 -4.79 -3.10
CA LEU A 205 -5.75 -3.91 -2.04
C LEU A 205 -5.19 -4.67 -0.87
N LYS A 206 -5.97 -5.57 -0.27
CA LYS A 206 -5.46 -6.36 0.83
C LYS A 206 -6.20 -7.69 1.03
N THR A 207 -5.50 -8.68 1.57
CA THR A 207 -6.09 -9.97 1.94
C THR A 207 -5.63 -10.32 3.35
N MET A 208 -6.56 -10.77 4.17
CA MET A 208 -6.26 -11.23 5.52
C MET A 208 -6.91 -12.59 5.68
N THR A 209 -6.33 -13.44 6.51
CA THR A 209 -6.89 -14.77 6.74
C THR A 209 -6.93 -15.11 8.22
N SER A 210 -7.80 -14.44 8.96
CA SER A 210 -7.94 -14.67 10.38
C SER A 210 -8.69 -15.95 10.69
N ASP A 211 -8.51 -16.43 11.90
CA ASP A 211 -9.20 -17.61 12.39
C ASP A 211 -10.69 -17.33 12.56
N ILE A 212 -11.05 -16.06 12.76
CA ILE A 212 -12.41 -15.68 13.06
C ILE A 212 -13.08 -14.89 11.94
N LEU A 213 -12.31 -14.27 11.05
CA LEU A 213 -12.84 -13.51 9.92
C LEU A 213 -11.89 -13.69 8.75
N LYS A 214 -12.43 -14.00 7.58
CA LYS A 214 -11.61 -14.06 6.38
C LYS A 214 -12.18 -12.96 5.51
N MET A 215 -11.34 -12.08 4.95
CA MET A 215 -11.85 -11.02 4.11
C MET A 215 -10.85 -10.63 3.02
N GLN A 216 -11.35 -10.15 1.89
CA GLN A 216 -10.50 -9.72 0.80
C GLN A 216 -11.02 -8.42 0.24
N LEU A 217 -10.15 -7.52 -0.14
CA LEU A 217 -10.60 -6.28 -0.74
C LEU A 217 -9.86 -6.04 -2.02
N TYR A 218 -10.60 -5.83 -3.10
CA TYR A 218 -10.00 -5.55 -4.38
C TYR A 218 -10.86 -4.57 -5.13
N VAL A 219 -10.28 -3.84 -6.06
CA VAL A 219 -11.01 -2.86 -6.82
C VAL A 219 -11.01 -3.19 -8.29
N GLU A 220 -12.17 -3.14 -8.92
CA GLU A 220 -12.26 -3.40 -10.34
C GLU A 220 -12.45 -2.04 -10.94
N GLU A 221 -11.62 -1.66 -11.88
CA GLU A 221 -11.68 -0.34 -12.47
C GLU A 221 -11.95 -0.38 -13.96
N ARG A 222 -12.77 0.53 -14.46
CA ARG A 222 -13.08 0.57 -15.88
C ARG A 222 -11.91 1.19 -16.59
N ALA A 223 -11.43 0.56 -17.65
CA ALA A 223 -10.27 1.09 -18.31
C ALA A 223 -10.50 2.47 -18.88
N HIS A 224 -11.63 2.69 -19.53
CA HIS A 224 -11.88 4.01 -20.09
C HIS A 224 -12.98 4.63 -19.31
N LYS A 225 -12.81 5.85 -18.88
CA LYS A 225 -13.82 6.44 -18.03
C LYS A 225 -14.44 7.65 -18.70
N LEU B 25 22.66 21.49 -13.81
CA LEU B 25 23.18 20.16 -13.54
C LEU B 25 23.30 19.38 -14.82
N ASN B 26 23.60 18.10 -14.69
CA ASN B 26 23.68 17.21 -15.85
C ASN B 26 22.67 16.09 -15.74
N PHE B 27 22.51 15.35 -16.84
CA PHE B 27 21.55 14.24 -16.92
C PHE B 27 21.76 13.28 -15.74
N GLY B 28 22.98 12.80 -15.56
CA GLY B 28 23.27 11.86 -14.48
C GLY B 28 22.73 12.31 -13.13
N GLN B 29 22.87 13.59 -12.80
CA GLN B 29 22.42 14.08 -11.50
C GLN B 29 20.92 14.23 -11.44
N VAL B 30 20.28 14.58 -12.58
CA VAL B 30 18.82 14.72 -12.61
C VAL B 30 18.16 13.36 -12.54
N VAL B 31 18.75 12.34 -13.18
CA VAL B 31 18.28 10.95 -13.05
C VAL B 31 18.47 10.45 -11.61
N ALA B 32 19.69 10.56 -11.10
CA ALA B 32 19.97 10.17 -9.73
C ALA B 32 19.02 10.88 -8.79
N ASP B 33 18.88 12.19 -8.96
CA ASP B 33 18.02 12.95 -8.07
C ASP B 33 16.61 12.40 -8.09
N VAL B 34 16.04 12.19 -9.29
CA VAL B 34 14.67 11.68 -9.39
C VAL B 34 14.55 10.33 -8.68
N LEU B 35 15.48 9.42 -8.96
CA LEU B 35 15.44 8.10 -8.35
C LEU B 35 15.12 8.14 -6.86
N CYS B 36 15.87 8.98 -6.15
CA CYS B 36 15.74 9.15 -4.71
C CYS B 36 14.39 9.68 -4.32
N GLU B 37 13.82 10.57 -5.13
CA GLU B 37 12.52 11.14 -4.83
C GLU B 37 11.54 10.00 -4.81
N PHE B 38 11.69 9.07 -5.74
CA PHE B 38 10.83 7.91 -5.77
C PHE B 38 11.07 7.12 -4.51
N LEU B 39 12.33 6.93 -4.16
CA LEU B 39 12.70 6.17 -2.98
C LEU B 39 12.19 6.81 -1.71
N GLU B 40 12.22 8.13 -1.62
CA GLU B 40 11.72 8.76 -0.41
C GLU B 40 10.25 8.43 -0.25
N VAL B 41 9.52 8.48 -1.34
CA VAL B 41 8.09 8.13 -1.31
C VAL B 41 7.92 6.67 -0.89
N ALA B 42 8.73 5.78 -1.48
CA ALA B 42 8.60 4.35 -1.28
C ALA B 42 8.80 3.97 0.18
N VAL B 43 9.81 4.56 0.82
CA VAL B 43 10.08 4.21 2.20
C VAL B 43 8.95 4.66 3.10
N HIS B 44 8.49 5.90 2.92
CA HIS B 44 7.32 6.35 3.66
C HIS B 44 6.13 5.44 3.43
N LEU B 45 5.78 5.22 2.16
CA LEU B 45 4.72 4.27 1.83
C LEU B 45 4.94 2.91 2.49
N ILE B 46 6.15 2.34 2.43
CA ILE B 46 6.36 1.01 3.03
C ILE B 46 6.18 1.07 4.54
N LEU B 47 6.48 2.20 5.16
CA LEU B 47 6.30 2.31 6.59
C LEU B 47 4.82 2.41 6.94
N TYR B 48 4.07 3.24 6.21
CA TYR B 48 2.62 3.36 6.38
C TYR B 48 1.93 2.01 6.26
N VAL B 49 2.12 1.35 5.13
CA VAL B 49 1.49 0.07 4.82
C VAL B 49 1.84 -0.99 5.85
N ARG B 50 3.11 -1.14 6.15
CA ARG B 50 3.53 -2.25 7.00
C ARG B 50 3.25 -2.02 8.48
N GLU B 51 2.79 -0.84 8.81
CA GLU B 51 2.44 -0.49 10.17
C GLU B 51 3.64 -0.59 11.05
N VAL B 52 4.80 -0.25 10.49
CA VAL B 52 6.03 -0.26 11.25
C VAL B 52 5.96 0.82 12.33
N TYR B 53 5.41 1.98 11.93
CA TYR B 53 5.30 3.12 12.82
C TYR B 53 3.85 3.53 12.89
N PRO B 54 3.43 4.10 14.05
CA PRO B 54 2.04 4.52 14.18
C PRO B 54 1.70 5.52 13.10
N VAL B 55 0.53 5.34 12.52
CA VAL B 55 0.04 6.12 11.40
C VAL B 55 -0.22 7.61 11.65
N GLY B 56 -0.38 8.00 12.89
CA GLY B 56 -0.69 9.37 13.20
C GLY B 56 0.33 10.34 12.68
N ILE B 57 1.57 9.91 12.57
CA ILE B 57 2.62 10.81 12.14
C ILE B 57 2.49 11.13 10.66
N PHE B 58 1.64 10.44 9.93
CA PHE B 58 1.56 10.62 8.49
C PHE B 58 0.53 11.67 8.06
N GLN B 59 0.97 12.56 7.17
CA GLN B 59 0.16 13.55 6.46
C GLN B 59 0.37 13.34 4.97
N LYS B 60 -0.69 13.53 4.19
CA LYS B 60 -0.64 13.32 2.76
C LYS B 60 -0.05 14.49 2.02
N ARG B 61 0.96 14.23 1.23
CA ARG B 61 1.65 15.27 0.49
C ARG B 61 1.66 14.85 -0.97
N LYS B 62 1.81 15.81 -1.86
CA LYS B 62 1.80 15.50 -3.27
C LYS B 62 3.18 15.63 -3.86
N LYS B 63 3.73 14.51 -4.32
CA LYS B 63 5.03 14.52 -4.96
C LYS B 63 4.78 14.21 -6.41
N TYR B 64 5.25 15.06 -7.30
CA TYR B 64 5.03 14.86 -8.72
C TYR B 64 3.56 14.67 -8.99
N ASN B 65 2.74 15.49 -8.36
CA ASN B 65 1.28 15.47 -8.55
C ASN B 65 0.66 14.12 -8.20
N VAL B 66 1.26 13.36 -7.29
CA VAL B 66 0.77 12.06 -6.88
C VAL B 66 0.49 12.10 -5.38
N PRO B 67 -0.69 11.70 -4.92
CA PRO B 67 -0.94 11.69 -3.47
C PRO B 67 -0.14 10.61 -2.74
N VAL B 68 0.99 11.01 -2.20
CA VAL B 68 1.87 10.10 -1.50
C VAL B 68 1.69 10.34 -0.01
N GLN B 69 1.48 9.26 0.73
CA GLN B 69 1.56 9.39 2.17
C GLN B 69 3.01 9.61 2.54
N MET B 70 3.25 10.64 3.35
CA MET B 70 4.55 11.06 3.86
C MET B 70 4.45 11.21 5.37
N SER B 71 5.59 11.32 6.05
CA SER B 71 5.61 11.34 7.50
C SER B 71 5.79 12.76 8.02
N CYS B 72 5.38 12.95 9.30
CA CYS B 72 5.55 14.20 10.06
C CYS B 72 6.32 14.02 11.37
N HIS B 73 7.16 12.98 11.51
CA HIS B 73 8.03 12.82 12.68
C HIS B 73 9.42 13.24 12.24
N PRO B 74 9.96 14.37 12.72
CA PRO B 74 11.20 14.87 12.12
C PRO B 74 12.39 13.98 12.41
N GLU B 75 12.34 13.23 13.50
CA GLU B 75 13.39 12.25 13.78
C GLU B 75 13.44 11.16 12.71
N LEU B 76 12.26 10.65 12.31
CA LEU B 76 12.18 9.61 11.30
C LEU B 76 12.47 10.13 9.88
N ASN B 77 12.04 11.34 9.56
CA ASN B 77 12.30 11.93 8.26
C ASN B 77 13.77 12.22 8.04
N GLN B 78 14.42 12.69 9.08
CA GLN B 78 15.83 13.01 9.01
C GLN B 78 16.64 11.76 8.76
N TYR B 79 16.27 10.65 9.39
CA TYR B 79 17.00 9.42 9.17
C TYR B 79 16.95 9.03 7.73
N ILE B 80 15.78 9.10 7.14
CA ILE B 80 15.60 8.78 5.73
C ILE B 80 16.32 9.73 4.80
N GLN B 81 16.26 11.02 5.08
CA GLN B 81 16.90 11.98 4.21
C GLN B 81 18.39 11.81 4.18
N ASP B 82 18.99 11.64 5.35
CA ASP B 82 20.42 11.50 5.43
C ASP B 82 20.80 10.26 4.70
N THR B 83 19.99 9.23 4.85
CA THR B 83 20.34 8.00 4.16
C THR B 83 20.40 8.23 2.67
N LEU B 84 19.33 8.80 2.10
CA LEU B 84 19.33 9.07 0.68
C LEU B 84 20.44 10.06 0.31
N HIS B 85 20.66 11.10 1.12
CA HIS B 85 21.76 12.02 0.85
C HIS B 85 23.08 11.28 0.65
N CYS B 86 23.22 10.10 1.27
CA CYS B 86 24.42 9.30 1.08
C CYS B 86 24.30 8.32 -0.08
N VAL B 87 23.09 7.98 -0.54
CA VAL B 87 22.95 7.09 -1.69
C VAL B 87 23.14 7.83 -3.01
N LYS B 88 22.74 9.12 -3.06
CA LYS B 88 22.67 9.86 -4.32
C LYS B 88 24.00 9.90 -5.07
N PRO B 89 25.14 10.18 -4.44
CA PRO B 89 26.42 10.10 -5.18
C PRO B 89 26.77 8.72 -5.67
N LEU B 90 26.36 7.67 -4.95
CA LEU B 90 26.64 6.32 -5.41
C LEU B 90 25.86 5.98 -6.68
N LEU B 91 24.69 6.61 -6.86
CA LEU B 91 23.91 6.46 -8.09
C LEU B 91 24.49 7.31 -9.22
N GLU B 92 24.93 8.53 -8.93
CA GLU B 92 25.53 9.38 -9.95
C GLU B 92 26.72 8.70 -10.62
N LYS B 93 27.25 7.62 -10.02
CA LYS B 93 28.41 6.91 -10.54
C LYS B 93 28.09 5.48 -11.00
N ASN B 94 26.80 5.13 -11.16
CA ASN B 94 26.37 3.75 -11.39
C ASN B 94 27.15 2.76 -10.51
N ASP B 95 27.00 2.91 -9.20
CA ASP B 95 27.62 1.94 -8.31
C ASP B 95 26.58 1.36 -7.36
N VAL B 96 25.31 1.26 -7.79
CA VAL B 96 24.23 0.70 -6.96
C VAL B 96 23.59 -0.48 -7.69
N GLU B 97 23.82 -1.66 -7.13
CA GLU B 97 23.18 -2.86 -7.61
C GLU B 97 21.74 -2.89 -7.19
N LYS B 98 21.49 -2.57 -5.92
CA LYS B 98 20.16 -2.54 -5.34
C LYS B 98 20.16 -1.81 -4.02
N VAL B 99 18.99 -1.41 -3.53
CA VAL B 99 18.87 -0.81 -2.21
C VAL B 99 17.78 -1.59 -1.52
N VAL B 100 18.01 -2.08 -0.32
CA VAL B 100 17.03 -2.90 0.37
C VAL B 100 16.47 -2.16 1.55
N VAL B 101 15.27 -2.50 1.98
CA VAL B 101 14.64 -1.86 3.12
C VAL B 101 14.22 -2.95 4.08
N VAL B 102 15.14 -3.44 4.90
CA VAL B 102 14.85 -4.56 5.80
C VAL B 102 13.99 -4.06 6.96
N ILE B 103 12.81 -4.66 7.12
CA ILE B 103 11.99 -4.47 8.32
C ILE B 103 12.44 -5.50 9.34
N LEU B 104 12.83 -5.03 10.53
CA LEU B 104 13.31 -5.90 11.60
C LEU B 104 12.34 -5.88 12.77
N ASP B 105 12.35 -6.95 13.55
CA ASP B 105 11.42 -7.14 14.65
C ASP B 105 12.07 -6.76 15.99
N LYS B 106 11.53 -7.27 17.10
CA LYS B 106 12.01 -6.80 18.41
C LYS B 106 13.48 -7.18 18.62
N GLU B 107 13.87 -8.40 18.24
CA GLU B 107 15.25 -8.86 18.33
C GLU B 107 16.10 -8.55 17.08
N HIS B 108 15.71 -7.54 16.29
CA HIS B 108 16.50 -7.10 15.15
C HIS B 108 16.79 -8.22 14.15
N ARG B 109 15.83 -9.16 14.01
CA ARG B 109 15.75 -10.21 13.00
C ARG B 109 14.98 -9.69 11.79
N PRO B 110 15.49 -9.93 10.59
CA PRO B 110 14.72 -9.38 9.49
C PRO B 110 13.37 -10.03 9.47
N VAL B 111 12.31 -9.27 9.23
CA VAL B 111 11.00 -9.86 9.14
C VAL B 111 10.66 -10.03 7.67
N GLU B 112 11.00 -9.00 6.85
CA GLU B 112 10.80 -9.02 5.42
C GLU B 112 11.69 -7.96 4.78
N LYS B 113 11.98 -8.09 3.52
CA LYS B 113 12.83 -7.09 2.89
C LYS B 113 12.28 -6.60 1.58
N PHE B 114 12.24 -5.30 1.35
CA PHE B 114 11.78 -4.81 0.06
C PHE B 114 12.99 -4.42 -0.75
N VAL B 115 13.33 -5.25 -1.70
CA VAL B 115 14.50 -5.09 -2.56
C VAL B 115 14.13 -4.26 -3.79
N PHE B 116 14.80 -3.15 -3.97
CA PHE B 116 14.57 -2.33 -5.12
C PHE B 116 15.83 -2.54 -5.89
N GLU B 117 15.72 -3.07 -7.08
CA GLU B 117 16.88 -3.33 -7.89
C GLU B 117 16.92 -2.33 -9.00
N ILE B 118 18.09 -1.73 -9.17
CA ILE B 118 18.31 -0.71 -10.16
C ILE B 118 19.03 -1.24 -11.37
N THR B 119 18.39 -1.12 -12.52
CA THR B 119 19.00 -1.61 -13.73
C THR B 119 19.52 -0.39 -14.43
N GLN B 120 20.83 -0.20 -14.42
CA GLN B 120 21.38 0.96 -15.08
C GLN B 120 22.18 0.54 -16.29
N PRO B 121 21.63 0.82 -17.47
CA PRO B 121 22.27 0.50 -18.75
C PRO B 121 23.45 1.42 -18.95
N PRO B 122 24.54 0.89 -19.50
CA PRO B 122 25.73 1.68 -19.75
C PRO B 122 25.47 2.76 -20.79
N LEU B 123 24.68 2.41 -21.81
CA LEU B 123 24.45 3.38 -22.86
C LEU B 123 23.77 4.65 -22.38
N LEU B 124 22.71 4.52 -21.61
CA LEU B 124 21.95 5.67 -21.13
C LEU B 124 21.59 6.62 -22.26
N SER B 125 21.03 6.08 -23.33
CA SER B 125 20.66 6.85 -24.52
C SER B 125 19.57 7.90 -24.34
N ILE B 126 18.57 7.59 -23.53
CA ILE B 126 17.45 8.50 -23.37
C ILE B 126 17.81 9.85 -22.81
N SER B 127 17.13 10.87 -23.32
CA SER B 127 17.29 12.23 -22.86
C SER B 127 16.41 12.46 -21.67
N SER B 128 16.53 13.63 -21.07
CA SER B 128 15.67 13.95 -19.95
C SER B 128 14.23 14.26 -20.29
N ASP B 129 13.99 15.04 -21.33
CA ASP B 129 12.60 15.43 -21.55
C ASP B 129 11.66 14.26 -21.57
N SER B 130 12.04 13.15 -22.18
CA SER B 130 11.20 11.98 -22.13
C SER B 130 11.10 11.53 -20.67
N LEU B 131 12.22 11.52 -19.97
CA LEU B 131 12.28 11.13 -18.58
C LEU B 131 11.49 12.04 -17.66
N LEU B 132 11.54 13.34 -17.90
CA LEU B 132 10.80 14.28 -17.08
C LEU B 132 9.29 14.12 -17.21
N SER B 133 8.82 13.90 -18.42
CA SER B 133 7.40 13.72 -18.63
C SER B 133 6.79 12.48 -17.98
N HIS B 134 7.46 11.35 -18.13
CA HIS B 134 6.99 10.06 -17.61
C HIS B 134 7.27 9.93 -16.15
N VAL B 135 7.49 11.03 -15.48
CA VAL B 135 7.89 10.93 -14.09
C VAL B 135 6.69 10.60 -13.20
N GLU B 136 5.59 11.36 -13.35
CA GLU B 136 4.40 11.12 -12.56
C GLU B 136 3.82 9.73 -12.82
N GLN B 137 3.58 9.38 -14.08
CA GLN B 137 3.11 8.03 -14.40
C GLN B 137 4.04 6.95 -13.87
N LEU B 138 5.35 7.21 -13.88
CA LEU B 138 6.30 6.22 -13.37
C LEU B 138 6.16 6.08 -11.86
N LEU B 139 6.02 7.21 -11.18
CA LEU B 139 5.78 7.18 -9.76
C LEU B 139 4.48 6.45 -9.44
N ARG B 140 3.43 6.68 -10.24
CA ARG B 140 2.16 5.96 -10.08
C ARG B 140 2.37 4.47 -10.30
N ALA B 141 3.12 4.09 -11.32
CA ALA B 141 3.39 2.67 -11.56
C ALA B 141 4.22 2.07 -10.43
N PHE B 142 5.08 2.88 -9.78
CA PHE B 142 5.84 2.40 -8.62
C PHE B 142 4.91 2.06 -7.45
N ILE B 143 4.03 3.01 -7.10
CA ILE B 143 3.09 2.80 -6.00
C ILE B 143 2.29 1.51 -6.20
N LEU B 144 1.96 1.17 -7.44
CA LEU B 144 1.22 -0.04 -7.70
C LEU B 144 2.00 -1.28 -7.29
N LYS B 145 3.27 -1.32 -7.64
CA LYS B 145 4.04 -2.49 -7.33
C LYS B 145 4.15 -2.65 -5.84
N ILE B 146 4.43 -1.57 -5.14
CA ILE B 146 4.48 -1.64 -3.71
C ILE B 146 3.10 -1.85 -3.10
N SER B 147 2.09 -1.14 -3.60
CA SER B 147 0.76 -1.29 -3.03
C SER B 147 0.12 -2.64 -3.37
N VAL B 148 0.36 -3.18 -4.56
CA VAL B 148 -0.24 -4.49 -4.88
C VAL B 148 0.60 -5.63 -4.33
N CYS B 149 1.86 -5.38 -4.00
CA CYS B 149 2.66 -6.46 -3.45
C CYS B 149 2.27 -6.77 -2.01
N ASP B 150 1.96 -5.75 -1.18
CA ASP B 150 1.75 -6.04 0.25
C ASP B 150 0.34 -6.47 0.55
N ALA B 151 -0.55 -6.42 -0.43
CA ALA B 151 -1.90 -6.90 -0.22
C ALA B 151 -1.87 -8.31 0.35
N VAL B 152 -1.03 -9.17 -0.25
CA VAL B 152 -0.90 -10.57 0.16
C VAL B 152 0.07 -10.76 1.34
N LEU B 153 0.73 -9.70 1.77
CA LEU B 153 1.61 -9.80 2.91
C LEU B 153 0.82 -9.94 4.21
N ASP B 154 1.24 -10.91 5.03
CA ASP B 154 0.72 -11.08 6.38
C ASP B 154 1.08 -9.89 7.26
N HIS B 155 0.65 -9.95 8.52
CA HIS B 155 0.89 -8.85 9.44
C HIS B 155 2.19 -9.09 10.20
N ASN B 156 2.95 -8.00 10.38
CA ASN B 156 4.24 -8.02 11.04
C ASN B 156 4.08 -8.09 12.56
N PRO B 157 4.99 -8.79 13.25
CA PRO B 157 5.02 -8.74 14.71
C PRO B 157 4.93 -7.30 15.22
N PRO B 158 4.52 -7.12 16.47
CA PRO B 158 4.36 -5.76 17.01
C PRO B 158 5.69 -5.15 17.39
N GLY B 159 5.69 -3.81 17.43
CA GLY B 159 6.90 -3.06 17.80
C GLY B 159 8.10 -3.27 16.90
N CYS B 160 8.05 -2.74 15.69
CA CYS B 160 9.07 -3.03 14.70
C CYS B 160 9.83 -1.78 14.35
N THR B 161 10.82 -1.99 13.51
CA THR B 161 11.67 -0.92 13.02
C THR B 161 12.28 -1.40 11.71
N PHE B 162 13.09 -0.56 11.10
CA PHE B 162 13.67 -0.93 9.82
C PHE B 162 15.10 -0.41 9.72
N THR B 163 15.79 -0.94 8.72
CA THR B 163 17.09 -0.47 8.26
C THR B 163 17.05 -0.36 6.74
N VAL B 164 18.19 0.02 6.15
CA VAL B 164 18.29 0.17 4.70
C VAL B 164 19.68 -0.35 4.27
N LEU B 165 19.71 -1.36 3.42
CA LEU B 165 20.96 -1.81 2.83
C LEU B 165 21.13 -1.18 1.44
N VAL B 166 22.38 -1.08 1.00
CA VAL B 166 22.74 -0.66 -0.36
C VAL B 166 23.93 -1.48 -0.79
N HIS B 167 23.84 -2.09 -1.96
CA HIS B 167 24.91 -2.90 -2.48
C HIS B 167 25.53 -2.30 -3.72
N THR B 168 26.80 -1.95 -3.64
CA THR B 168 27.54 -1.37 -4.74
C THR B 168 27.71 -2.38 -5.87
N ARG B 169 27.74 -1.90 -7.11
CA ARG B 169 27.83 -2.79 -8.26
C ARG B 169 29.08 -3.62 -8.34
N GLU B 170 28.89 -4.91 -8.57
CA GLU B 170 29.96 -5.88 -8.69
C GLU B 170 30.90 -5.84 -9.89
N ALA B 171 30.35 -5.73 -11.09
CA ALA B 171 31.18 -5.76 -12.30
C ALA B 171 30.73 -4.88 -13.46
N ALA B 172 31.70 -4.51 -14.28
CA ALA B 172 31.46 -3.68 -15.45
C ALA B 172 31.57 -4.55 -16.69
N ASP B 199 29.88 -0.21 -30.81
CA ASP B 199 31.25 0.28 -30.79
C ASP B 199 31.26 1.80 -30.75
N PRO B 200 30.26 2.38 -30.10
CA PRO B 200 30.26 3.84 -30.02
C PRO B 200 31.34 4.36 -29.10
N ARG B 201 32.00 5.47 -29.44
CA ARG B 201 32.96 6.09 -28.52
C ARG B 201 32.14 6.61 -27.35
N LEU B 202 31.06 7.27 -27.75
CA LEU B 202 30.05 7.88 -26.93
C LEU B 202 28.86 8.08 -27.89
N ILE B 203 27.98 9.00 -27.55
CA ILE B 203 26.86 9.36 -28.41
C ILE B 203 26.01 8.24 -29.00
N PRO B 204 25.37 7.44 -28.15
CA PRO B 204 24.48 6.40 -28.67
C PRO B 204 23.18 7.04 -29.11
N LEU B 205 22.58 6.57 -30.19
CA LEU B 205 21.33 7.11 -30.70
C LEU B 205 20.26 7.42 -29.65
N LYS B 206 19.52 8.47 -29.90
CA LYS B 206 18.49 8.96 -29.00
C LYS B 206 17.39 7.94 -28.89
N THR B 207 16.90 7.73 -27.70
CA THR B 207 15.77 6.87 -27.52
C THR B 207 14.86 7.61 -26.62
N MET B 208 13.56 7.45 -26.84
CA MET B 208 12.61 8.16 -26.05
C MET B 208 11.80 7.27 -25.15
N THR B 209 12.26 6.03 -25.01
CA THR B 209 11.56 5.07 -24.21
C THR B 209 11.72 5.35 -22.74
N SER B 210 10.86 4.73 -21.95
CA SER B 210 10.90 4.81 -20.48
C SER B 210 11.67 3.62 -19.90
N ASP B 211 12.31 2.88 -20.79
CA ASP B 211 13.06 1.69 -20.44
C ASP B 211 14.21 1.95 -19.50
N ILE B 212 14.30 1.07 -18.52
CA ILE B 212 15.34 1.05 -17.50
C ILE B 212 15.46 2.36 -16.70
N LEU B 213 14.33 3.04 -16.51
CA LEU B 213 14.33 4.24 -15.69
C LEU B 213 13.52 4.06 -14.41
N LYS B 214 13.17 2.79 -14.20
CA LYS B 214 12.46 2.34 -13.01
C LYS B 214 13.21 1.12 -12.48
N MET B 215 13.02 0.90 -11.20
CA MET B 215 13.66 -0.17 -10.47
C MET B 215 12.47 -0.97 -9.97
N GLN B 216 12.61 -2.28 -10.08
CA GLN B 216 11.64 -3.28 -9.72
C GLN B 216 12.07 -3.87 -8.43
N LEU B 217 11.15 -3.94 -7.47
CA LEU B 217 11.36 -4.43 -6.10
C LEU B 217 10.78 -5.80 -5.95
N TYR B 218 11.51 -6.76 -5.41
CA TYR B 218 10.92 -8.08 -5.18
C TYR B 218 10.94 -8.21 -3.65
N VAL B 219 9.77 -8.31 -3.05
CA VAL B 219 9.57 -8.44 -1.62
C VAL B 219 9.87 -9.84 -1.12
N GLU B 220 10.51 -9.97 0.03
CA GLU B 220 10.76 -11.28 0.58
C GLU B 220 10.07 -11.36 1.93
N GLU B 221 9.25 -12.37 2.13
CA GLU B 221 8.55 -12.53 3.38
C GLU B 221 9.04 -13.74 4.13
N ARG B 222 9.41 -13.55 5.38
CA ARG B 222 9.94 -14.61 6.20
C ARG B 222 8.90 -15.69 6.41
N ALA B 223 9.32 -16.94 6.45
CA ALA B 223 8.35 -18.00 6.65
C ALA B 223 7.66 -17.84 7.98
N HIS B 224 8.39 -17.58 9.04
CA HIS B 224 7.76 -17.37 10.32
C HIS B 224 8.18 -16.00 10.77
N LYS B 225 7.27 -15.05 10.65
CA LYS B 225 7.57 -13.69 11.00
C LYS B 225 7.87 -13.54 12.47
N GLY B 226 7.07 -14.16 13.32
CA GLY B 226 7.26 -14.07 14.74
C GLY B 226 6.02 -13.84 15.56
N SER B 227 6.20 -13.76 16.86
CA SER B 227 5.10 -13.56 17.80
C SER B 227 4.30 -12.34 17.44
N THR C 2 35.00 -12.43 -0.02
CA THR C 2 34.17 -11.86 1.04
C THR C 2 33.96 -10.38 0.82
N THR C 3 32.74 -9.91 1.03
CA THR C 3 32.35 -8.56 0.64
C THR C 3 32.47 -7.56 1.80
N GLU C 4 32.92 -6.35 1.45
CA GLU C 4 33.15 -5.28 2.42
C GLU C 4 31.85 -4.62 2.84
N VAL C 5 31.66 -4.46 4.16
CA VAL C 5 30.51 -3.80 4.73
C VAL C 5 30.94 -2.46 5.32
N ILE C 6 30.05 -1.50 5.29
CA ILE C 6 30.37 -0.18 5.82
C ILE C 6 29.20 0.23 6.72
N LEU C 7 29.14 -0.23 7.97
CA LEU C 7 28.07 0.16 8.88
C LEU C 7 28.10 1.68 9.14
N HIS C 8 26.98 2.40 8.98
CA HIS C 8 26.82 3.85 9.29
C HIS C 8 25.92 4.01 10.51
N TYR C 9 26.39 4.70 11.54
CA TYR C 9 25.63 4.83 12.77
C TYR C 9 25.73 6.25 13.29
N ARG C 10 24.81 6.60 14.28
CA ARG C 10 24.76 7.98 14.76
C ARG C 10 25.57 8.19 16.04
N PRO C 11 25.98 9.42 16.32
CA PRO C 11 26.71 9.69 17.58
C PRO C 11 25.85 9.49 18.81
N CYS C 12 24.55 9.46 18.63
CA CYS C 12 23.65 9.24 19.73
C CYS C 12 23.85 7.87 20.32
N GLU C 13 24.18 6.89 19.49
CA GLU C 13 24.28 5.52 19.97
C GLU C 13 25.26 5.36 21.10
N SER C 14 24.76 4.73 22.15
CA SER C 14 25.50 4.43 23.34
C SER C 14 26.58 3.43 23.06
N ASP C 15 26.27 2.48 22.19
CA ASP C 15 27.17 1.37 21.91
C ASP C 15 27.55 1.12 20.46
N PRO C 16 28.53 1.84 19.94
CA PRO C 16 29.03 1.65 18.59
C PRO C 16 29.68 0.29 18.42
N THR C 17 30.35 -0.18 19.46
CA THR C 17 31.04 -1.46 19.44
C THR C 17 30.15 -2.66 19.23
N GLN C 18 28.93 -2.60 19.75
CA GLN C 18 28.00 -3.71 19.62
C GLN C 18 27.18 -3.74 18.35
N LEU C 19 27.32 -2.74 17.51
CA LEU C 19 26.52 -2.68 16.28
C LEU C 19 26.75 -3.84 15.33
N PRO C 20 27.99 -4.29 15.18
CA PRO C 20 28.28 -5.40 14.28
C PRO C 20 27.63 -6.75 14.61
N LYS C 21 27.58 -7.19 15.85
CA LYS C 21 26.91 -8.46 16.14
C LYS C 21 25.40 -8.33 15.99
N ILE C 22 24.85 -7.12 16.14
CA ILE C 22 23.42 -6.94 15.99
C ILE C 22 23.03 -6.83 14.51
N ALA C 23 23.78 -6.01 13.75
CA ALA C 23 23.55 -5.83 12.32
C ALA C 23 23.88 -7.09 11.53
N GLU C 24 24.75 -7.93 12.05
CA GLU C 24 24.95 -9.29 11.58
C GLU C 24 23.60 -9.95 11.34
N LYS C 25 22.55 -9.58 12.11
CA LYS C 25 21.23 -10.16 11.88
C LYS C 25 20.56 -9.61 10.62
N ALA C 26 20.62 -8.29 10.40
CA ALA C 26 19.95 -7.68 9.24
C ALA C 26 20.54 -8.14 7.90
N ILE C 27 21.86 -8.26 7.80
CA ILE C 27 22.44 -8.72 6.55
C ILE C 27 22.11 -10.17 6.24
N GLN C 28 21.77 -10.95 7.25
CA GLN C 28 21.60 -12.37 7.00
C GLN C 28 20.38 -12.57 6.11
N ASP C 29 20.54 -13.36 5.04
CA ASP C 29 19.36 -13.86 4.37
C ASP C 29 18.61 -14.86 5.25
N PHE C 30 17.34 -15.01 4.95
CA PHE C 30 16.35 -15.67 5.80
C PHE C 30 15.39 -16.44 4.95
N PRO C 31 14.76 -17.49 5.47
CA PRO C 31 13.91 -18.38 4.69
C PRO C 31 12.66 -17.68 4.18
N THR C 32 12.55 -17.55 2.86
CA THR C 32 11.48 -16.76 2.29
C THR C 32 10.25 -17.60 2.06
N ARG C 33 9.11 -16.99 2.35
CA ARG C 33 7.82 -17.58 2.08
C ARG C 33 7.55 -17.57 0.59
N PRO C 34 6.91 -18.60 0.06
CA PRO C 34 6.58 -18.61 -1.36
C PRO C 34 5.74 -17.40 -1.72
N LEU C 35 5.86 -17.02 -2.98
CA LEU C 35 5.21 -15.82 -3.48
C LEU C 35 3.70 -16.05 -3.59
N SER C 36 2.91 -15.62 -2.61
CA SER C 36 1.47 -15.76 -2.75
C SER C 36 0.97 -14.78 -3.81
N ARG C 37 -0.01 -15.17 -4.62
CA ARG C 37 -0.53 -14.29 -5.66
C ARG C 37 -1.97 -14.07 -5.43
N PHE C 38 -2.43 -12.89 -5.86
CA PHE C 38 -3.78 -12.51 -5.59
C PHE C 38 -4.75 -13.12 -6.45
N ILE C 39 -5.82 -13.71 -5.86
CA ILE C 39 -6.84 -14.31 -6.65
C ILE C 39 -8.16 -14.10 -5.92
N PRO C 40 -9.20 -13.65 -6.61
CA PRO C 40 -10.47 -13.35 -5.98
C PRO C 40 -11.15 -14.62 -5.56
N TRP C 41 -11.66 -14.68 -4.34
CA TRP C 41 -12.29 -15.90 -3.88
C TRP C 41 -13.53 -16.24 -4.68
N PHE C 42 -14.36 -15.24 -4.91
CA PHE C 42 -15.56 -15.39 -5.69
C PHE C 42 -15.42 -14.51 -6.91
N PRO C 43 -15.21 -15.12 -8.05
CA PRO C 43 -15.00 -14.39 -9.28
C PRO C 43 -16.27 -13.76 -9.77
N TYR C 44 -16.17 -12.87 -10.76
CA TYR C 44 -17.31 -12.17 -11.33
C TYR C 44 -18.19 -13.29 -11.79
N ASP C 45 -19.43 -13.27 -11.36
CA ASP C 45 -20.30 -14.40 -11.66
C ASP C 45 -21.15 -14.36 -12.93
N GLY C 46 -21.94 -13.32 -13.09
CA GLY C 46 -22.79 -13.15 -14.26
C GLY C 46 -24.14 -13.85 -14.23
N SER C 47 -24.35 -14.73 -13.25
CA SER C 47 -25.61 -15.42 -13.10
C SER C 47 -26.20 -15.17 -11.72
N LYS C 48 -25.39 -14.55 -10.87
CA LYS C 48 -25.81 -14.19 -9.52
C LYS C 48 -25.93 -12.68 -9.51
N LEU C 49 -27.07 -12.18 -9.03
CA LEU C 49 -27.28 -10.74 -9.01
C LEU C 49 -27.19 -10.16 -7.60
N PRO C 50 -26.35 -9.11 -7.45
CA PRO C 50 -26.13 -8.40 -6.19
C PRO C 50 -27.39 -7.63 -5.82
N LEU C 51 -27.66 -7.46 -4.54
CA LEU C 51 -28.86 -6.74 -4.14
C LEU C 51 -28.61 -5.26 -3.97
N ARG C 52 -29.24 -4.47 -4.82
CA ARG C 52 -29.10 -3.01 -4.82
C ARG C 52 -30.34 -2.34 -4.25
N PRO C 53 -30.15 -1.41 -3.31
CA PRO C 53 -31.25 -0.67 -2.70
C PRO C 53 -31.95 0.18 -3.74
N LYS C 54 -33.28 0.27 -3.66
CA LYS C 54 -34.03 1.05 -4.63
C LYS C 54 -33.66 2.54 -4.57
N ARG C 55 -33.55 3.05 -3.36
CA ARG C 55 -33.23 4.46 -3.14
C ARG C 55 -31.87 4.85 -3.71
N SER C 56 -31.65 6.16 -3.83
CA SER C 56 -30.40 6.69 -4.36
C SER C 56 -29.87 7.84 -3.50
N PRO C 57 -28.56 8.07 -3.55
CA PRO C 57 -27.86 9.11 -2.79
C PRO C 57 -28.28 10.52 -3.22
N PRO C 58 -28.30 11.46 -2.26
CA PRO C 58 -28.68 12.86 -2.43
C PRO C 58 -27.76 13.59 -3.41
N VAL C 59 -26.47 13.29 -3.34
CA VAL C 59 -25.43 13.87 -4.22
C VAL C 59 -25.39 15.41 -4.19
N ILE C 60 -25.57 15.97 -3.00
CA ILE C 60 -25.55 17.42 -2.82
C ILE C 60 -24.26 18.02 -3.37
N SER D 7 32.69 -4.56 -4.81
CA SER D 7 31.30 -4.69 -4.39
C SER D 7 31.19 -4.65 -2.88
N GLN D 8 30.59 -3.60 -2.36
CA GLN D 8 30.43 -3.43 -0.92
C GLN D 8 28.99 -3.10 -0.62
N VAL D 9 28.57 -3.34 0.61
CA VAL D 9 27.22 -3.02 1.01
C VAL D 9 27.32 -2.01 2.13
N HIS D 10 26.53 -0.95 2.06
CA HIS D 10 26.55 0.06 3.09
C HIS D 10 25.35 -0.11 3.95
N ILE D 11 25.53 -0.43 5.22
CA ILE D 11 24.43 -0.63 6.11
C ILE D 11 24.17 0.65 6.83
N PHE D 12 22.96 1.17 6.76
CA PHE D 12 22.71 2.38 7.48
C PHE D 12 21.93 2.10 8.69
N TRP D 13 22.42 2.62 9.80
CA TRP D 13 21.80 2.33 11.05
C TRP D 13 21.23 3.50 11.73
N GLY D 14 20.44 3.22 12.74
CA GLY D 14 19.83 4.30 13.47
C GLY D 14 18.48 4.67 12.91
N ALA D 15 17.47 4.04 13.46
CA ALA D 15 16.10 4.26 13.06
C ALA D 15 15.32 4.56 14.32
N PRO D 16 14.22 5.29 14.19
CA PRO D 16 13.45 5.60 15.40
C PRO D 16 12.95 4.35 16.11
N ILE D 17 12.95 4.43 17.43
CA ILE D 17 12.57 3.32 18.27
C ILE D 17 11.14 2.87 18.07
N ALA D 18 10.95 1.56 18.21
CA ALA D 18 9.68 0.85 18.07
C ALA D 18 8.39 1.65 18.32
N ALA D 35 28.33 19.87 9.88
CA ALA D 35 29.01 18.81 10.59
C ALA D 35 28.83 17.48 9.87
N ASP D 36 28.89 16.39 10.62
CA ASP D 36 28.74 15.06 10.04
C ASP D 36 27.50 14.33 10.55
N PRO D 37 26.63 13.93 9.63
CA PRO D 37 25.40 13.18 9.89
C PRO D 37 25.62 11.75 10.36
N TRP D 38 26.57 11.05 9.77
CA TRP D 38 26.82 9.65 10.06
C TRP D 38 28.22 9.28 10.51
N LYS D 39 28.32 8.51 11.58
CA LYS D 39 29.60 7.95 11.96
C LYS D 39 29.77 6.67 11.13
N LYS D 40 30.98 6.20 10.93
CA LYS D 40 31.13 5.00 10.12
C LYS D 40 32.04 3.96 10.76
N ILE D 41 31.72 2.69 10.59
CA ILE D 41 32.53 1.59 11.07
C ILE D 41 32.80 0.74 9.86
N GLN D 42 34.04 0.39 9.56
CA GLN D 42 34.27 -0.43 8.38
C GLN D 42 34.58 -1.85 8.80
N LEU D 43 33.81 -2.79 8.31
CA LEU D 43 33.95 -4.19 8.66
C LEU D 43 33.88 -5.08 7.44
N LEU D 44 34.12 -6.37 7.65
CA LEU D 44 34.08 -7.36 6.59
C LEU D 44 33.12 -8.49 6.91
N TYR D 45 32.56 -9.09 5.88
CA TYR D 45 31.62 -10.19 6.01
C TYR D 45 32.26 -11.47 5.49
N SER D 46 32.25 -12.54 6.27
CA SER D 46 32.87 -13.77 5.78
C SER D 46 31.94 -14.97 5.74
N GLN D 47 31.66 -15.56 6.90
CA GLN D 47 30.81 -16.73 6.91
C GLN D 47 29.69 -16.55 7.88
N HIS D 48 28.70 -15.78 7.44
CA HIS D 48 27.52 -15.47 8.25
C HIS D 48 27.86 -14.84 9.60
N SER D 49 28.83 -13.93 9.60
CA SER D 49 29.24 -13.20 10.77
C SER D 49 29.90 -11.93 10.30
N LEU D 50 29.89 -10.90 11.15
CA LEU D 50 30.48 -9.63 10.79
C LEU D 50 31.67 -9.33 11.67
N TYR D 51 32.80 -8.99 11.04
CA TYR D 51 33.96 -8.63 11.80
C TYR D 51 34.66 -7.40 11.25
N LEU D 52 35.40 -6.74 12.12
CA LEU D 52 36.11 -5.48 11.87
C LEU D 52 37.30 -5.65 10.92
N LYS D 53 37.75 -4.51 10.40
CA LYS D 53 38.84 -4.50 9.43
C LYS D 53 40.17 -4.66 10.16
N ASP D 54 41.17 -5.13 9.42
CA ASP D 54 42.49 -5.57 9.93
C ASP D 54 43.08 -4.73 11.07
#